data_8KFQ
#
_entry.id   8KFQ
#
_cell.length_a   145.500
_cell.length_b   145.500
_cell.length_c   145.500
_cell.angle_alpha   90.00
_cell.angle_beta   90.00
_cell.angle_gamma   90.00
#
_symmetry.space_group_name_H-M   'I 2 3'
#
loop_
_entity.id
_entity.type
_entity.pdbx_description
1 polymer 'Epidermal growth factor receptor'
2 non-polymer 'SULFATE ION'
3 non-polymer ~{N}-[3-[[6-chloranyl-2-[(1-ethylpyrazol-4-yl)amino]quinazolin-4-yl]amino]phenyl]prop-2-enamide
#
_entity_poly.entity_id   1
_entity_poly.type   'polypeptide(L)'
_entity_poly.pdbx_seq_one_letter_code
;EAPNQALLRILKETEFKKIKVLGSGAFGTVYKGLWIPEGEKVKIPVAIKELREATSPKANKEILDEAYVMASVDNPHVCR
LLGICLTSTVQLIMQLMPFGCLLDYVREHKDNIGSQYLLNWCVQIAKGMNYLEDRRLVHRDLAARNVLVKTPQHVKITDF
GRAKLLGAEEKEYHAEGGKVPIKWMALESILHRIYTHQSDVWSYGVTVWELMTFGSKPYDGIPASEISSILEKGERLPQP
PICTIDVYMIMVKCWMIDADSRPKFRELIIEFSKMARDPQRYLVIQGDERMHLPSPTDSNFYRALMDEEDMDDVVDADEY
LI
;
_entity_poly.pdbx_strand_id   A
#
loop_
_chem_comp.id
_chem_comp.type
_chem_comp.name
_chem_comp.formula
SO4 non-polymer 'SULFATE ION' 'O4 S -2'
VUZ non-polymer ~{N}-[3-[[6-chloranyl-2-[(1-ethylpyrazol-4-yl)amino]quinazolin-4-yl]amino]phenyl]prop-2-enamide 'C22 H20 Cl N7 O'
#
# COMPACT_ATOMS: atom_id res chain seq x y z
N GLU A 1 12.60 -8.55 23.70
CA GLU A 1 12.66 -8.09 22.31
C GLU A 1 13.78 -7.08 22.20
N ALA A 2 14.23 -6.76 20.95
CA ALA A 2 15.32 -5.79 20.84
C ALA A 2 14.78 -4.36 20.78
N PRO A 3 15.58 -3.38 21.22
CA PRO A 3 15.03 -2.03 21.45
C PRO A 3 14.85 -1.22 20.18
N ASN A 4 13.72 -0.53 20.10
CA ASN A 4 13.30 0.17 18.89
C ASN A 4 14.01 1.52 18.88
N GLN A 5 15.12 1.61 18.16
CA GLN A 5 15.92 2.84 18.15
C GLN A 5 15.61 3.74 16.97
N ALA A 6 14.38 3.71 16.49
CA ALA A 6 13.99 4.59 15.39
C ALA A 6 14.09 6.04 15.85
N LEU A 7 14.50 6.92 14.94
CA LEU A 7 14.44 8.35 15.21
C LEU A 7 13.14 8.93 14.69
N LEU A 8 12.44 9.62 15.59
CA LEU A 8 11.30 10.43 15.28
C LEU A 8 11.78 11.87 15.14
N ARG A 9 11.52 12.48 13.99
CA ARG A 9 12.03 13.79 13.67
C ARG A 9 10.91 14.82 13.80
N ILE A 10 11.15 15.88 14.57
CA ILE A 10 10.21 16.96 14.76
C ILE A 10 10.58 18.12 13.85
N LEU A 11 9.68 18.46 12.94
CA LEU A 11 9.89 19.45 11.90
C LEU A 11 9.22 20.78 12.25
N LYS A 12 9.82 21.90 11.79
CA LYS A 12 9.27 23.23 12.04
C LYS A 12 8.21 23.59 10.99
N GLU A 13 7.11 24.22 11.42
CA GLU A 13 6.01 24.58 10.51
C GLU A 13 6.47 25.48 9.37
N THR A 14 7.60 26.14 9.52
CA THR A 14 8.06 27.03 8.49
C THR A 14 8.96 26.33 7.48
N GLU A 15 9.32 25.09 7.77
CA GLU A 15 10.29 24.36 6.97
C GLU A 15 9.66 23.75 5.75
N PHE A 16 8.34 23.85 5.62
CA PHE A 16 7.66 23.27 4.48
C PHE A 16 6.48 24.15 4.14
N LYS A 17 5.95 23.95 2.94
CA LYS A 17 4.83 24.73 2.46
C LYS A 17 3.83 23.83 1.74
N LYS A 18 2.59 23.82 2.25
CA LYS A 18 1.50 23.16 1.55
C LYS A 18 1.28 23.83 0.20
N ILE A 19 0.78 23.08 -0.76
CA ILE A 19 0.53 23.64 -2.09
C ILE A 19 -0.88 23.36 -2.58
N LYS A 20 -1.44 22.20 -2.22
CA LYS A 20 -2.84 21.96 -2.54
C LYS A 20 -3.36 20.81 -1.70
N VAL A 21 -4.64 20.67 -1.72
CA VAL A 21 -5.30 19.59 -1.03
C VAL A 21 -5.37 18.39 -1.95
N LEU A 22 -5.09 17.22 -1.40
CA LEU A 22 -5.27 15.99 -2.13
C LEU A 22 -6.54 15.25 -1.73
N GLY A 23 -7.04 15.44 -0.52
CA GLY A 23 -8.27 14.79 -0.13
C GLY A 23 -8.64 15.18 1.27
N SER A 24 -9.92 15.00 1.58
CA SER A 24 -10.49 15.36 2.88
C SER A 24 -11.24 14.16 3.45
N GLY A 25 -11.27 14.05 4.77
CA GLY A 25 -11.89 12.90 5.38
C GLY A 25 -12.30 13.10 6.81
N ALA A 26 -12.48 11.97 7.51
CA ALA A 26 -12.84 12.00 8.92
C ALA A 26 -11.68 12.50 9.78
N PHE A 27 -10.48 11.97 9.52
CA PHE A 27 -9.28 12.40 10.24
C PHE A 27 -9.05 13.92 10.17
N GLY A 28 -9.44 14.54 9.06
CA GLY A 28 -8.93 15.85 8.72
C GLY A 28 -8.61 15.89 7.24
N THR A 29 -7.34 16.03 6.87
CA THR A 29 -7.07 16.35 5.48
C THR A 29 -5.62 16.04 5.12
N VAL A 30 -5.37 15.90 3.81
CA VAL A 30 -4.07 15.50 3.25
C VAL A 30 -3.66 16.53 2.20
N TYR A 31 -2.51 17.17 2.39
CA TYR A 31 -2.02 18.18 1.46
C TYR A 31 -0.81 17.69 0.67
N LYS A 32 -0.82 17.93 -0.63
CA LYS A 32 0.40 17.99 -1.40
C LYS A 32 1.20 19.20 -0.96
N GLY A 33 2.48 18.99 -0.66
CA GLY A 33 3.30 20.12 -0.26
C GLY A 33 4.78 19.82 -0.41
N LEU A 34 5.59 20.75 0.06
CA LEU A 34 7.03 20.74 -0.20
C LEU A 34 7.83 21.03 1.06
N TRP A 35 8.83 20.19 1.36
CA TRP A 35 9.60 20.29 2.59
C TRP A 35 11.04 20.72 2.26
N ILE A 36 11.41 21.92 2.68
CA ILE A 36 12.75 22.42 2.46
C ILE A 36 13.47 22.44 3.80
N PRO A 37 14.28 21.44 4.12
CA PRO A 37 15.12 21.53 5.30
C PRO A 37 15.93 22.81 5.24
N GLU A 38 15.91 23.56 6.34
CA GLU A 38 16.55 24.87 6.34
C GLU A 38 18.03 24.70 6.11
N GLY A 39 18.56 25.51 5.19
CA GLY A 39 19.98 25.55 4.90
C GLY A 39 20.52 24.29 4.26
N GLU A 40 19.71 23.58 3.48
CA GLU A 40 20.13 22.30 2.93
C GLU A 40 20.23 22.31 1.42
N LYS A 41 19.56 23.24 0.74
CA LYS A 41 19.52 23.31 -0.71
C LYS A 41 18.92 22.02 -1.29
N VAL A 42 17.85 21.51 -0.63
CA VAL A 42 16.95 20.50 -1.20
C VAL A 42 15.50 20.83 -0.88
N LYS A 43 14.62 20.54 -1.85
CA LYS A 43 13.18 20.63 -1.75
C LYS A 43 12.61 19.22 -1.94
N ILE A 44 11.86 18.70 -0.97
CA ILE A 44 11.40 17.31 -1.01
C ILE A 44 9.88 17.24 -1.13
N PRO A 45 9.35 16.58 -2.14
CA PRO A 45 7.89 16.42 -2.24
C PRO A 45 7.37 15.59 -1.07
N VAL A 46 6.26 16.06 -0.46
CA VAL A 46 5.68 15.37 0.68
C VAL A 46 4.17 15.38 0.59
N ALA A 47 3.55 14.43 1.28
CA ALA A 47 2.17 14.48 1.68
C ALA A 47 2.08 14.80 3.16
N ILE A 48 1.10 15.64 3.53
CA ILE A 48 0.91 16.14 4.89
C ILE A 48 -0.49 15.78 5.36
N LYS A 49 -0.57 14.89 6.33
CA LYS A 49 -1.84 14.41 6.88
C LYS A 49 -2.08 15.10 8.22
N GLU A 50 -3.04 16.05 8.28
CA GLU A 50 -3.33 16.78 9.51
C GLU A 50 -4.76 16.52 10.03
N LEU A 51 -4.90 16.71 11.35
CA LEU A 51 -6.15 16.49 12.08
C LEU A 51 -7.09 17.72 12.06
N THR A 55 -9.53 18.44 16.53
CA THR A 55 -8.65 18.05 17.63
C THR A 55 -9.40 17.59 18.87
N SER A 56 -9.11 16.36 19.27
CA SER A 56 -9.67 15.76 20.43
C SER A 56 -8.64 14.76 20.93
N PRO A 57 -8.27 14.81 22.21
CA PRO A 57 -7.12 14.03 22.70
C PRO A 57 -7.09 12.57 22.28
N LYS A 58 -8.17 11.83 22.58
CA LYS A 58 -8.24 10.41 22.32
C LYS A 58 -8.09 10.05 20.83
N ALA A 59 -7.96 11.05 19.94
CA ALA A 59 -7.65 10.79 18.54
C ALA A 59 -6.27 11.26 18.15
N ASN A 60 -5.74 12.27 18.83
CA ASN A 60 -4.32 12.58 18.73
C ASN A 60 -3.49 11.37 19.13
N LYS A 61 -3.95 10.59 20.12
CA LYS A 61 -3.23 9.37 20.46
C LYS A 61 -3.16 8.43 19.27
N GLU A 62 -4.24 8.35 18.50
CA GLU A 62 -4.27 7.44 17.36
C GLU A 62 -3.33 7.91 16.25
N ILE A 63 -3.33 9.21 15.96
CA ILE A 63 -2.40 9.66 14.92
C ILE A 63 -0.95 9.47 15.36
N LEU A 64 -0.63 9.74 16.62
CA LEU A 64 0.74 9.51 17.07
C LEU A 64 1.10 8.03 16.98
N ASP A 65 0.12 7.17 17.15
CA ASP A 65 0.44 5.76 17.14
C ASP A 65 0.83 5.34 15.73
N GLU A 66 0.03 5.76 14.76
CA GLU A 66 0.40 5.51 13.37
C GLU A 66 1.79 6.06 13.08
N ALA A 67 2.07 7.28 13.55
CA ALA A 67 3.40 7.86 13.33
C ALA A 67 4.50 7.00 13.93
N TYR A 68 4.28 6.46 15.13
CA TYR A 68 5.28 5.58 15.75
C TYR A 68 5.58 4.39 14.86
N VAL A 69 4.52 3.68 14.47
CA VAL A 69 4.66 2.55 13.55
C VAL A 69 5.49 2.95 12.34
N MET A 70 5.11 4.05 11.73
CA MET A 70 5.66 4.40 10.43
C MET A 70 7.08 4.89 10.53
N ALA A 71 7.47 5.43 11.68
CA ALA A 71 8.87 5.73 11.91
C ALA A 71 9.69 4.48 12.17
N SER A 72 9.05 3.39 12.55
CA SER A 72 9.80 2.19 12.86
C SER A 72 10.15 1.32 11.65
N VAL A 73 9.67 1.66 10.44
CA VAL A 73 9.84 0.84 9.24
C VAL A 73 10.76 1.54 8.24
N ASP A 74 11.52 0.72 7.52
CA ASP A 74 12.39 1.20 6.44
C ASP A 74 12.44 0.03 5.47
N ASN A 75 11.72 0.16 4.36
CA ASN A 75 11.85 -0.79 3.26
C ASN A 75 11.42 -0.07 1.99
N PRO A 76 11.95 -0.46 0.85
CA PRO A 76 11.57 0.23 -0.39
C PRO A 76 10.11 0.10 -0.71
N HIS A 77 9.46 -0.95 -0.23
CA HIS A 77 8.07 -1.13 -0.59
C HIS A 77 7.15 -0.85 0.58
N VAL A 78 7.64 -0.08 1.54
CA VAL A 78 6.82 0.49 2.59
C VAL A 78 7.02 1.99 2.59
N CYS A 79 5.93 2.73 2.47
CA CYS A 79 5.99 4.19 2.52
C CYS A 79 6.61 4.63 3.81
N ARG A 80 7.68 5.41 3.72
CA ARG A 80 8.35 5.75 4.95
C ARG A 80 7.99 7.18 5.36
N LEU A 81 7.79 7.36 6.67
CA LEU A 81 7.48 8.65 7.29
C LEU A 81 8.75 9.49 7.49
N LEU A 82 8.61 10.81 7.35
CA LEU A 82 9.74 11.73 7.43
C LEU A 82 9.82 12.51 8.74
N GLY A 83 8.70 13.05 9.20
CA GLY A 83 8.65 13.63 10.53
C GLY A 83 7.22 14.00 10.84
N ILE A 84 6.99 14.39 12.07
CA ILE A 84 5.74 15.01 12.48
C ILE A 84 6.03 16.47 12.83
N CYS A 85 5.00 17.30 12.75
CA CYS A 85 5.16 18.71 13.11
C CYS A 85 4.14 19.03 14.18
N LEU A 86 4.60 19.57 15.32
CA LEU A 86 3.68 19.82 16.43
C LEU A 86 3.13 21.23 16.35
N THR A 87 1.86 21.32 16.02
CA THR A 87 1.15 22.57 16.04
C THR A 87 -0.17 22.24 16.71
N SER A 88 -1.09 23.19 16.73
CA SER A 88 -2.38 22.93 17.38
C SER A 88 -2.93 21.56 16.96
N THR A 89 -2.75 21.21 15.71
CA THR A 89 -3.10 19.91 15.18
C THR A 89 -1.82 19.17 14.80
N VAL A 90 -1.72 17.92 15.22
CA VAL A 90 -0.61 17.09 14.78
C VAL A 90 -0.65 16.90 13.27
N GLN A 91 0.53 16.89 12.64
CA GLN A 91 0.64 16.70 11.20
C GLN A 91 1.73 15.67 10.88
N LEU A 92 1.39 14.64 10.12
CA LEU A 92 2.36 13.64 9.67
C LEU A 92 2.92 14.09 8.32
N ILE A 93 4.24 14.13 8.21
CA ILE A 93 4.89 14.48 6.96
C ILE A 93 5.49 13.19 6.40
N MET A 94 5.02 12.76 5.23
CA MET A 94 5.58 11.55 4.62
C MET A 94 5.80 11.78 3.15
N GLN A 95 6.63 10.92 2.57
CA GLN A 95 6.96 10.96 1.15
C GLN A 95 5.71 11.03 0.26
N LEU A 96 5.57 12.11 -0.49
CA LEU A 96 4.52 12.20 -1.51
C LEU A 96 4.61 11.06 -2.50
N MET A 97 3.48 10.36 -2.66
CA MET A 97 3.31 9.27 -3.62
C MET A 97 2.47 9.77 -4.80
N PRO A 98 3.09 10.19 -5.90
CA PRO A 98 2.39 11.11 -6.81
C PRO A 98 1.18 10.52 -7.50
N PHE A 99 1.13 9.22 -7.78
CA PHE A 99 0.04 8.66 -8.56
C PHE A 99 -1.11 8.13 -7.69
N GLY A 100 -1.13 8.47 -6.39
CA GLY A 100 -2.22 8.12 -5.48
C GLY A 100 -2.32 6.62 -5.20
N CYS A 101 -3.52 6.18 -4.86
CA CYS A 101 -3.71 4.80 -4.40
C CYS A 101 -3.89 3.87 -5.57
N LEU A 102 -3.34 2.66 -5.41
CA LEU A 102 -3.27 1.71 -6.51
C LEU A 102 -4.66 1.33 -6.98
N LEU A 103 -5.63 1.29 -6.07
CA LEU A 103 -7.00 0.93 -6.44
C LEU A 103 -7.58 1.90 -7.48
N ASP A 104 -7.56 3.20 -7.16
CA ASP A 104 -7.93 4.17 -8.17
C ASP A 104 -7.04 4.09 -9.39
N TYR A 105 -5.75 3.77 -9.22
CA TYR A 105 -4.84 3.76 -10.36
C TYR A 105 -5.24 2.72 -11.36
N VAL A 106 -5.59 1.53 -10.89
CA VAL A 106 -5.95 0.49 -11.84
C VAL A 106 -7.31 0.77 -12.42
N ARG A 107 -8.19 1.41 -11.65
CA ARG A 107 -9.48 1.78 -12.22
C ARG A 107 -9.33 2.77 -13.37
N GLU A 108 -8.56 3.83 -13.17
CA GLU A 108 -8.44 4.84 -14.20
C GLU A 108 -7.61 4.39 -15.38
N HIS A 109 -6.76 3.38 -15.22
CA HIS A 109 -5.75 3.05 -16.23
C HIS A 109 -5.82 1.60 -16.69
N LYS A 110 -6.97 0.94 -16.51
CA LYS A 110 -7.23 -0.40 -17.00
C LYS A 110 -6.66 -0.65 -18.40
N ASP A 111 -6.88 0.29 -19.32
CA ASP A 111 -6.56 0.07 -20.71
C ASP A 111 -5.08 0.17 -21.01
N ASN A 112 -4.25 0.49 -20.03
CA ASN A 112 -2.83 0.63 -20.27
C ASN A 112 -1.97 -0.17 -19.30
N ILE A 113 -2.60 -0.97 -18.46
CA ILE A 113 -1.87 -1.78 -17.49
C ILE A 113 -1.57 -3.13 -18.12
N GLY A 114 -0.27 -3.42 -18.28
CA GLY A 114 0.14 -4.70 -18.81
C GLY A 114 0.38 -5.75 -17.73
N SER A 115 0.59 -6.99 -18.20
CA SER A 115 0.80 -8.09 -17.25
C SER A 115 2.13 -7.96 -16.52
N GLN A 116 3.11 -7.33 -17.18
CA GLN A 116 4.38 -7.02 -16.52
C GLN A 116 4.16 -6.10 -15.34
N TYR A 117 3.34 -5.06 -15.51
CA TYR A 117 3.08 -4.16 -14.40
C TYR A 117 2.33 -4.86 -13.30
N LEU A 118 1.26 -5.60 -13.64
CA LEU A 118 0.51 -6.33 -12.63
C LEU A 118 1.43 -7.21 -11.80
N LEU A 119 2.12 -8.14 -12.45
CA LEU A 119 2.95 -9.06 -11.70
C LEU A 119 4.05 -8.34 -10.92
N ASN A 120 4.57 -7.25 -11.46
CA ASN A 120 5.60 -6.54 -10.73
C ASN A 120 5.02 -5.94 -9.45
N TRP A 121 3.80 -5.41 -9.53
CA TRP A 121 3.12 -4.97 -8.32
C TRP A 121 3.00 -6.10 -7.33
N CYS A 122 2.54 -7.27 -7.80
CA CYS A 122 2.31 -8.39 -6.90
C CYS A 122 3.59 -8.75 -6.16
N VAL A 123 4.71 -8.76 -6.88
CA VAL A 123 6.02 -8.98 -6.27
C VAL A 123 6.32 -7.91 -5.24
N GLN A 124 6.10 -6.64 -5.61
CA GLN A 124 6.56 -5.56 -4.75
C GLN A 124 5.82 -5.56 -3.42
N ILE A 125 4.55 -5.91 -3.45
CA ILE A 125 3.78 -6.02 -2.21
C ILE A 125 4.17 -7.24 -1.40
N ALA A 126 4.39 -8.38 -2.07
CA ALA A 126 4.87 -9.53 -1.34
C ALA A 126 6.15 -9.19 -0.61
N LYS A 127 7.01 -8.37 -1.23
CA LYS A 127 8.24 -7.92 -0.56
C LYS A 127 7.91 -7.02 0.63
N GLY A 128 7.04 -6.02 0.43
CA GLY A 128 6.66 -5.16 1.54
C GLY A 128 6.20 -5.96 2.73
N MET A 129 5.28 -6.89 2.50
CA MET A 129 4.70 -7.66 3.60
C MET A 129 5.72 -8.60 4.23
N ASN A 130 6.60 -9.22 3.43
CA ASN A 130 7.68 -10.01 3.99
C ASN A 130 8.54 -9.17 4.91
N TYR A 131 8.75 -7.90 4.55
CA TYR A 131 9.55 -7.07 5.45
C TYR A 131 8.81 -6.80 6.74
N LEU A 132 7.51 -6.47 6.64
CA LEU A 132 6.70 -6.30 7.85
C LEU A 132 6.71 -7.56 8.69
N GLU A 133 6.83 -8.71 8.07
CA GLU A 133 6.85 -9.94 8.85
C GLU A 133 8.18 -10.08 9.58
N ASP A 134 9.30 -9.91 8.85
CA ASP A 134 10.57 -9.66 9.52
C ASP A 134 10.51 -8.72 10.71
N ARG A 135 9.79 -7.61 10.59
CA ARG A 135 9.77 -6.67 11.67
C ARG A 135 8.64 -7.02 12.73
N ARG A 136 8.25 -8.26 12.69
CA ARG A 136 7.20 -8.75 13.58
C ARG A 136 5.90 -7.85 13.72
N LEU A 137 5.51 -7.33 12.55
CA LEU A 137 4.41 -6.39 12.36
C LEU A 137 3.30 -7.04 11.56
N VAL A 138 2.07 -6.84 12.00
CA VAL A 138 0.89 -7.35 11.32
C VAL A 138 0.07 -6.17 10.86
N HIS A 139 -0.29 -6.15 9.57
CA HIS A 139 -0.89 -4.95 8.99
C HIS A 139 -2.37 -4.81 9.36
N ARG A 140 -3.15 -5.87 9.20
CA ARG A 140 -4.54 -5.95 9.63
C ARG A 140 -5.48 -5.14 8.73
N ASP A 141 -4.94 -4.35 7.80
CA ASP A 141 -5.79 -3.58 6.89
C ASP A 141 -5.23 -3.52 5.47
N LEU A 142 -4.57 -4.58 5.03
CA LEU A 142 -3.97 -4.60 3.69
C LEU A 142 -5.04 -4.68 2.60
N ALA A 143 -5.06 -3.72 1.68
CA ALA A 143 -6.03 -3.67 0.59
C ALA A 143 -5.45 -2.84 -0.55
N ALA A 144 -6.09 -2.91 -1.71
CA ALA A 144 -5.61 -2.04 -2.77
C ALA A 144 -5.75 -0.57 -2.43
N ARG A 145 -6.74 -0.19 -1.60
CA ARG A 145 -6.86 1.24 -1.31
C ARG A 145 -5.70 1.75 -0.46
N ASN A 146 -4.89 0.85 0.09
CA ASN A 146 -3.84 1.21 1.04
C ASN A 146 -2.44 0.95 0.49
N VAL A 147 -2.32 0.71 -0.81
CA VAL A 147 -1.06 0.73 -1.52
C VAL A 147 -1.05 2.00 -2.35
N LEU A 148 0.07 2.74 -2.31
CA LEU A 148 0.18 3.98 -3.06
C LEU A 148 1.27 3.85 -4.11
N VAL A 149 1.20 4.70 -5.13
CA VAL A 149 1.93 4.53 -6.38
C VAL A 149 2.93 5.68 -6.50
N LYS A 150 4.24 5.39 -6.30
CA LYS A 150 5.30 6.39 -6.45
C LYS A 150 5.56 6.70 -7.93
N THR A 151 5.89 5.68 -8.68
CA THR A 151 5.85 5.66 -10.15
C THR A 151 4.98 4.48 -10.54
N PRO A 152 4.59 4.38 -11.81
CA PRO A 152 3.90 3.15 -12.24
C PRO A 152 4.72 1.91 -11.98
N GLN A 153 6.04 2.00 -12.02
CA GLN A 153 6.85 0.83 -11.67
C GLN A 153 7.22 0.77 -10.19
N HIS A 154 6.51 1.45 -9.29
CA HIS A 154 6.94 1.35 -7.90
C HIS A 154 5.80 1.68 -6.95
N VAL A 155 5.35 0.72 -6.15
CA VAL A 155 4.26 0.92 -5.22
C VAL A 155 4.76 0.66 -3.81
N LYS A 156 4.00 1.15 -2.83
CA LYS A 156 4.44 1.10 -1.44
C LYS A 156 3.24 0.95 -0.52
N ILE A 157 3.35 0.08 0.50
CA ILE A 157 2.28 -0.06 1.49
C ILE A 157 2.28 1.16 2.40
N THR A 158 1.08 1.69 2.74
CA THR A 158 1.02 3.03 3.35
C THR A 158 0.03 3.30 4.47
N ASP A 159 -0.93 2.43 4.74
CA ASP A 159 -1.82 2.69 5.86
C ASP A 159 -1.44 1.75 7.00
N PHE A 160 -1.12 2.31 8.14
CA PHE A 160 -0.78 1.57 9.34
C PHE A 160 -1.67 1.97 10.51
N GLY A 161 -2.84 2.57 10.22
CA GLY A 161 -3.79 2.92 11.25
C GLY A 161 -4.34 1.70 11.94
N ARG A 162 -3.93 0.49 11.51
CA ARG A 162 -4.35 -0.72 12.21
C ARG A 162 -3.23 -1.70 12.46
N ALA A 163 -1.98 -1.36 12.20
CA ALA A 163 -0.89 -2.29 12.46
C ALA A 163 -0.69 -2.51 13.98
N LYS A 164 -0.16 -3.68 14.36
CA LYS A 164 0.29 -3.97 15.73
C LYS A 164 1.50 -4.93 15.70
N LEU A 165 1.94 -5.37 16.89
CA LEU A 165 2.95 -6.44 17.04
C LEU A 165 2.37 -7.78 17.47
N VAL A 180 -14.22 -1.79 10.71
CA VAL A 180 -13.55 -3.06 10.41
C VAL A 180 -13.81 -3.52 8.97
N PRO A 181 -12.73 -3.78 8.18
CA PRO A 181 -12.88 -4.12 6.75
C PRO A 181 -13.13 -5.59 6.46
N ILE A 182 -14.39 -6.00 6.41
CA ILE A 182 -14.72 -7.42 6.56
C ILE A 182 -14.27 -8.21 5.32
N LYS A 183 -14.53 -7.69 4.13
CA LYS A 183 -14.35 -8.48 2.91
C LYS A 183 -12.89 -8.74 2.58
N TRP A 184 -11.95 -8.15 3.32
CA TRP A 184 -10.53 -8.38 3.14
C TRP A 184 -9.91 -9.28 4.19
N MET A 185 -10.67 -9.77 5.18
CA MET A 185 -10.12 -10.37 6.39
C MET A 185 -10.28 -11.88 6.43
N ALA A 186 -9.31 -12.53 7.07
CA ALA A 186 -9.31 -13.98 7.22
C ALA A 186 -10.54 -14.44 8.00
N LEU A 187 -10.76 -15.74 8.02
CA LEU A 187 -11.95 -16.23 8.73
C LEU A 187 -11.73 -16.19 10.23
N GLU A 188 -10.56 -16.63 10.67
CA GLU A 188 -10.25 -16.55 12.09
C GLU A 188 -10.38 -15.12 12.56
N SER A 189 -10.07 -14.16 11.69
CA SER A 189 -10.16 -12.77 12.10
C SER A 189 -11.61 -12.33 12.21
N ILE A 190 -12.45 -12.71 11.25
CA ILE A 190 -13.85 -12.27 11.27
C ILE A 190 -14.59 -12.88 12.45
N LEU A 191 -14.14 -14.03 12.94
CA LEU A 191 -14.92 -14.69 13.96
C LEU A 191 -14.32 -14.62 15.36
N HIS A 192 -13.00 -14.60 15.46
CA HIS A 192 -12.30 -14.73 16.73
C HIS A 192 -11.39 -13.55 17.00
N ARG A 193 -11.40 -12.53 16.13
CA ARG A 193 -10.50 -11.38 16.22
C ARG A 193 -9.05 -11.80 16.36
N ILE A 194 -8.67 -12.89 15.72
CA ILE A 194 -7.27 -13.29 15.68
C ILE A 194 -6.64 -12.63 14.46
N TYR A 195 -5.40 -12.17 14.60
CA TYR A 195 -4.66 -11.60 13.48
C TYR A 195 -3.23 -12.09 13.57
N THR A 196 -2.69 -12.58 12.46
CA THR A 196 -1.32 -13.03 12.39
C THR A 196 -0.79 -12.61 11.03
N HIS A 197 0.44 -13.01 10.72
CA HIS A 197 0.96 -12.76 9.39
C HIS A 197 0.20 -13.53 8.35
N GLN A 198 -0.40 -14.68 8.72
CA GLN A 198 -1.14 -15.44 7.72
C GLN A 198 -2.51 -14.84 7.42
N SER A 199 -3.17 -14.19 8.38
CA SER A 199 -4.33 -13.40 7.98
C SER A 199 -3.95 -12.23 7.09
N ASP A 200 -2.74 -11.70 7.26
CA ASP A 200 -2.26 -10.73 6.29
C ASP A 200 -2.11 -11.36 4.90
N VAL A 201 -1.65 -12.63 4.85
CA VAL A 201 -1.62 -13.35 3.57
C VAL A 201 -3.01 -13.40 2.95
N TRP A 202 -4.01 -13.82 3.70
CA TRP A 202 -5.37 -13.79 3.17
C TRP A 202 -5.68 -12.45 2.50
N SER A 203 -5.46 -11.35 3.23
CA SER A 203 -5.80 -10.05 2.63
C SER A 203 -4.93 -9.74 1.42
N TYR A 204 -3.70 -10.26 1.39
CA TYR A 204 -2.91 -10.15 0.19
C TYR A 204 -3.63 -10.81 -0.99
N GLY A 205 -4.23 -11.98 -0.74
CA GLY A 205 -4.94 -12.66 -1.80
C GLY A 205 -6.10 -11.85 -2.34
N VAL A 206 -6.93 -11.35 -1.42
CA VAL A 206 -7.98 -10.42 -1.84
C VAL A 206 -7.39 -9.28 -2.67
N THR A 207 -6.37 -8.60 -2.14
CA THR A 207 -5.75 -7.50 -2.87
C THR A 207 -5.41 -7.88 -4.31
N VAL A 208 -4.72 -9.01 -4.47
CA VAL A 208 -4.35 -9.46 -5.81
C VAL A 208 -5.58 -9.55 -6.68
N TRP A 209 -6.64 -10.17 -6.15
CA TRP A 209 -7.89 -10.21 -6.85
C TRP A 209 -8.30 -8.82 -7.29
N GLU A 210 -8.17 -7.86 -6.38
CA GLU A 210 -8.55 -6.48 -6.68
C GLU A 210 -7.81 -5.98 -7.90
N LEU A 211 -6.51 -6.21 -7.95
CA LEU A 211 -5.72 -5.77 -9.08
C LEU A 211 -6.11 -6.47 -10.37
N MET A 212 -6.18 -7.80 -10.35
CA MET A 212 -6.43 -8.55 -11.57
C MET A 212 -7.81 -8.28 -12.13
N THR A 213 -8.76 -7.84 -11.31
CA THR A 213 -10.05 -7.41 -11.82
C THR A 213 -10.12 -5.91 -12.04
N PHE A 214 -8.96 -5.25 -12.04
CA PHE A 214 -8.85 -3.83 -12.38
C PHE A 214 -9.67 -2.94 -11.49
N GLY A 215 -9.72 -3.28 -10.22
CA GLY A 215 -10.39 -2.44 -9.26
C GLY A 215 -11.80 -2.83 -9.00
N SER A 216 -12.16 -4.07 -9.20
CA SER A 216 -13.52 -4.51 -8.95
C SER A 216 -13.78 -4.57 -7.45
N LYS A 217 -15.06 -4.54 -7.06
CA LYS A 217 -15.42 -4.62 -5.65
C LYS A 217 -15.61 -6.09 -5.25
N PRO A 218 -14.82 -6.60 -4.30
CA PRO A 218 -14.98 -8.01 -3.90
C PRO A 218 -16.31 -8.24 -3.23
N TYR A 219 -17.00 -9.30 -3.67
CA TYR A 219 -18.33 -9.63 -3.17
C TYR A 219 -19.27 -8.44 -3.29
N ASP A 220 -19.28 -7.80 -4.45
CA ASP A 220 -20.12 -6.63 -4.61
C ASP A 220 -21.56 -7.01 -4.39
N GLY A 221 -22.25 -6.27 -3.52
CA GLY A 221 -23.64 -6.56 -3.23
C GLY A 221 -23.87 -7.27 -1.92
N ILE A 222 -23.22 -8.41 -1.73
CA ILE A 222 -23.32 -9.19 -0.50
C ILE A 222 -23.01 -8.33 0.70
N PRO A 223 -23.93 -8.13 1.64
CA PRO A 223 -23.63 -7.31 2.82
C PRO A 223 -22.67 -8.03 3.76
N ALA A 224 -21.77 -7.24 4.38
CA ALA A 224 -20.61 -7.81 5.05
C ALA A 224 -20.98 -8.76 6.16
N SER A 225 -22.24 -8.74 6.60
CA SER A 225 -22.69 -9.67 7.62
C SER A 225 -22.83 -11.08 7.07
N GLU A 226 -23.21 -11.22 5.79
CA GLU A 226 -23.35 -12.54 5.17
C GLU A 226 -22.00 -13.18 4.83
N ILE A 227 -20.94 -12.36 4.73
CA ILE A 227 -19.62 -12.82 4.31
C ILE A 227 -19.15 -13.99 5.18
N SER A 228 -19.31 -13.86 6.49
CA SER A 228 -18.76 -14.89 7.37
C SER A 228 -19.37 -16.25 7.03
N SER A 229 -20.69 -16.31 6.88
CA SER A 229 -21.28 -17.61 6.63
C SER A 229 -20.95 -18.12 5.23
N ILE A 230 -20.96 -17.24 4.21
CA ILE A 230 -20.53 -17.66 2.87
C ILE A 230 -19.18 -18.36 2.93
N LEU A 231 -18.19 -17.66 3.47
CA LEU A 231 -16.86 -18.28 3.60
C LEU A 231 -16.94 -19.59 4.35
N GLU A 232 -17.79 -19.65 5.37
CA GLU A 232 -17.87 -20.86 6.18
C GLU A 232 -18.19 -22.06 5.31
N LYS A 233 -19.04 -21.86 4.29
CA LYS A 233 -19.48 -22.93 3.41
C LYS A 233 -18.37 -23.41 2.48
N GLY A 234 -17.53 -22.50 1.98
CA GLY A 234 -16.45 -22.87 1.10
C GLY A 234 -16.42 -22.15 -0.23
N GLU A 235 -17.21 -21.07 -0.37
CA GLU A 235 -17.23 -20.18 -1.52
C GLU A 235 -16.13 -19.12 -1.38
N ARG A 236 -15.53 -18.74 -2.53
CA ARG A 236 -14.52 -17.70 -2.55
C ARG A 236 -14.76 -16.80 -3.75
N LEU A 237 -13.88 -15.82 -3.93
CA LEU A 237 -13.98 -14.89 -5.05
C LEU A 237 -13.75 -15.62 -6.38
N PRO A 238 -14.36 -15.15 -7.47
CA PRO A 238 -14.13 -15.77 -8.78
C PRO A 238 -12.72 -15.60 -9.35
N GLN A 239 -12.44 -16.40 -10.36
CA GLN A 239 -11.20 -16.30 -11.11
C GLN A 239 -11.28 -15.15 -12.10
N PRO A 240 -10.55 -14.05 -11.91
CA PRO A 240 -10.59 -12.95 -12.89
C PRO A 240 -10.38 -13.50 -14.28
N PRO A 241 -11.08 -12.94 -15.27
CA PRO A 241 -10.93 -13.43 -16.65
C PRO A 241 -9.50 -13.51 -17.09
N ILE A 242 -8.69 -12.51 -16.74
CA ILE A 242 -7.33 -12.48 -17.25
C ILE A 242 -6.43 -13.47 -16.57
N CYS A 243 -6.89 -14.15 -15.52
CA CYS A 243 -5.96 -14.99 -14.79
C CYS A 243 -5.86 -16.36 -15.45
N THR A 244 -4.63 -16.79 -15.70
CA THR A 244 -4.42 -18.21 -15.88
C THR A 244 -4.83 -18.92 -14.61
N ILE A 245 -4.84 -20.25 -14.65
CA ILE A 245 -5.09 -20.97 -13.43
C ILE A 245 -3.90 -20.82 -12.50
N ASP A 246 -2.69 -20.63 -13.05
CA ASP A 246 -1.50 -20.58 -12.21
C ASP A 246 -1.60 -19.47 -11.17
N VAL A 247 -2.07 -18.30 -11.59
CA VAL A 247 -2.22 -17.15 -10.69
C VAL A 247 -3.40 -17.36 -9.76
N TYR A 248 -4.53 -17.86 -10.29
CA TYR A 248 -5.72 -18.02 -9.49
C TYR A 248 -5.47 -19.00 -8.36
N MET A 249 -4.68 -20.03 -8.62
CA MET A 249 -4.39 -21.03 -7.62
C MET A 249 -3.65 -20.43 -6.45
N ILE A 250 -2.79 -19.45 -6.70
CA ILE A 250 -2.09 -18.78 -5.61
C ILE A 250 -3.05 -17.92 -4.82
N MET A 251 -3.91 -17.18 -5.51
CA MET A 251 -4.97 -16.49 -4.78
C MET A 251 -5.72 -17.44 -3.87
N VAL A 252 -6.08 -18.60 -4.39
CA VAL A 252 -6.92 -19.53 -3.66
C VAL A 252 -6.18 -20.10 -2.45
N LYS A 253 -4.91 -20.48 -2.63
CA LYS A 253 -4.12 -20.92 -1.49
C LYS A 253 -4.05 -19.87 -0.39
N CYS A 254 -4.23 -18.59 -0.71
CA CYS A 254 -4.30 -17.62 0.38
C CYS A 254 -5.59 -17.69 1.17
N TRP A 255 -6.61 -18.37 0.66
CA TRP A 255 -7.95 -18.34 1.24
C TRP A 255 -8.33 -19.69 1.84
N MET A 256 -7.35 -20.53 2.12
CA MET A 256 -7.48 -21.71 2.97
C MET A 256 -8.07 -21.36 4.34
N ILE A 257 -8.72 -22.33 4.97
CA ILE A 257 -9.15 -22.14 6.35
C ILE A 257 -7.98 -22.36 7.30
N ASP A 258 -7.18 -23.38 7.04
CA ASP A 258 -6.03 -23.68 7.90
C ASP A 258 -4.95 -22.67 7.57
N ALA A 259 -4.70 -21.73 8.48
CA ALA A 259 -3.80 -20.62 8.19
C ALA A 259 -2.38 -21.08 7.87
N ASP A 260 -1.97 -22.22 8.39
CA ASP A 260 -0.64 -22.72 8.07
C ASP A 260 -0.57 -23.30 6.67
N SER A 261 -1.70 -23.72 6.13
CA SER A 261 -1.78 -24.16 4.76
C SER A 261 -1.59 -23.00 3.77
N ARG A 262 -1.69 -21.75 4.22
CA ARG A 262 -1.50 -20.65 3.33
C ARG A 262 -0.03 -20.42 3.07
N PRO A 263 0.30 -19.80 1.94
CA PRO A 263 1.70 -19.58 1.59
C PRO A 263 2.28 -18.50 2.46
N LYS A 264 3.59 -18.54 2.62
CA LYS A 264 4.32 -17.48 3.31
C LYS A 264 4.80 -16.45 2.30
N PHE A 265 4.76 -15.19 2.70
CA PHE A 265 5.15 -14.08 1.85
C PHE A 265 6.45 -14.35 1.08
N ARG A 266 7.44 -15.00 1.70
CA ARG A 266 8.68 -15.33 0.98
C ARG A 266 8.44 -16.21 -0.25
N GLU A 267 7.45 -17.10 -0.18
CA GLU A 267 7.10 -17.94 -1.31
C GLU A 267 6.26 -17.17 -2.33
N LEU A 268 5.34 -16.33 -1.87
CA LEU A 268 4.62 -15.46 -2.79
C LEU A 268 5.58 -14.62 -3.62
N ILE A 269 6.59 -14.02 -2.97
CA ILE A 269 7.64 -13.32 -3.72
C ILE A 269 8.23 -14.23 -4.77
N ILE A 270 8.61 -15.43 -4.38
CA ILE A 270 9.29 -16.32 -5.34
C ILE A 270 8.38 -16.63 -6.52
N GLU A 271 7.13 -16.98 -6.24
CA GLU A 271 6.24 -17.42 -7.31
C GLU A 271 5.94 -16.28 -8.26
N PHE A 272 5.59 -15.12 -7.73
CA PHE A 272 5.35 -13.99 -8.61
C PHE A 272 6.61 -13.51 -9.32
N SER A 273 7.80 -13.68 -8.74
CA SER A 273 9.02 -13.40 -9.49
C SER A 273 9.10 -14.29 -10.72
N LYS A 274 9.13 -15.60 -10.51
CA LYS A 274 9.05 -16.55 -11.61
C LYS A 274 8.01 -16.18 -12.67
N MET A 275 6.82 -15.76 -12.24
CA MET A 275 5.82 -15.39 -13.23
C MET A 275 6.17 -14.08 -13.93
N ALA A 276 6.75 -13.13 -13.20
CA ALA A 276 7.07 -11.86 -13.82
C ALA A 276 8.28 -11.93 -14.72
N ARG A 277 8.92 -13.09 -14.83
CA ARG A 277 9.93 -13.28 -15.88
C ARG A 277 9.31 -13.50 -17.25
N ASP A 278 8.19 -14.20 -17.33
CA ASP A 278 7.45 -14.44 -18.56
C ASP A 278 6.01 -14.00 -18.32
N PRO A 279 5.76 -12.67 -18.28
CA PRO A 279 4.45 -12.19 -17.79
C PRO A 279 3.27 -12.69 -18.61
N GLN A 280 3.46 -12.89 -19.91
CA GLN A 280 2.31 -13.17 -20.76
C GLN A 280 1.95 -14.65 -20.76
N ARG A 281 2.78 -15.51 -20.19
CA ARG A 281 2.42 -16.89 -19.92
C ARG A 281 1.44 -17.05 -18.77
N TYR A 282 1.22 -16.01 -17.97
CA TYR A 282 0.43 -16.17 -16.76
C TYR A 282 -0.76 -15.20 -16.64
N LEU A 283 -0.83 -14.18 -17.49
CA LEU A 283 -1.98 -13.26 -17.52
C LEU A 283 -2.28 -12.89 -18.97
N VAL A 284 -3.51 -13.13 -19.37
CA VAL A 284 -3.91 -13.01 -20.75
C VAL A 284 -4.69 -11.71 -20.87
N ILE A 285 -4.05 -10.70 -21.44
CA ILE A 285 -4.65 -9.38 -21.59
C ILE A 285 -4.55 -9.00 -23.06
N GLN A 286 -5.66 -8.48 -23.61
CA GLN A 286 -5.67 -8.10 -25.02
C GLN A 286 -4.83 -6.86 -25.27
N GLY A 287 -4.01 -6.89 -26.32
CA GLY A 287 -3.15 -5.78 -26.62
C GLY A 287 -1.95 -5.64 -25.71
N ASP A 288 -1.70 -6.66 -24.90
CA ASP A 288 -0.57 -6.66 -23.97
C ASP A 288 0.74 -6.43 -24.73
N GLU A 289 1.73 -5.90 -24.01
CA GLU A 289 3.08 -5.62 -24.51
C GLU A 289 3.16 -4.40 -25.42
N ARG A 290 2.03 -3.93 -25.91
CA ARG A 290 2.02 -2.69 -26.69
C ARG A 290 1.43 -1.54 -25.87
N MET A 291 1.59 -1.60 -24.54
CA MET A 291 0.99 -0.62 -23.64
C MET A 291 2.07 0.25 -23.00
N HIS A 292 1.74 1.53 -22.82
CA HIS A 292 2.66 2.52 -22.26
C HIS A 292 2.01 3.18 -21.04
N LEU A 293 2.79 3.34 -19.97
CA LEU A 293 2.55 4.13 -18.77
C LEU A 293 3.73 5.07 -18.52
N PRO A 294 3.51 6.20 -17.83
CA PRO A 294 4.62 7.16 -17.63
C PRO A 294 5.81 6.55 -16.89
N SER A 295 7.01 7.01 -17.23
CA SER A 295 8.26 6.47 -16.74
C SER A 295 9.18 7.62 -16.34
N PRO A 296 10.07 7.42 -15.37
CA PRO A 296 11.05 8.48 -15.06
C PRO A 296 11.94 8.88 -16.24
N THR A 297 12.03 8.05 -17.28
CA THR A 297 12.71 8.38 -18.54
C THR A 297 11.80 9.04 -19.59
N ASP A 298 10.76 9.76 -19.12
CA ASP A 298 9.81 10.49 -19.96
C ASP A 298 10.04 11.99 -19.79
N SER A 299 9.52 12.77 -20.75
CA SER A 299 9.43 14.22 -20.63
C SER A 299 8.21 14.62 -19.81
N ASN A 300 8.34 15.74 -19.09
CA ASN A 300 7.27 16.32 -18.28
C ASN A 300 6.81 15.34 -17.19
N PHE A 301 7.43 14.14 -17.15
CA PHE A 301 7.19 13.17 -16.09
C PHE A 301 7.44 13.76 -14.72
N TYR A 302 8.20 14.84 -14.65
CA TYR A 302 8.54 15.51 -13.41
C TYR A 302 7.86 16.89 -13.39
N ARG A 303 6.56 16.87 -13.03
CA ARG A 303 5.80 18.09 -12.75
C ARG A 303 4.52 17.72 -12.03
N ALA A 304 4.16 18.52 -11.04
CA ALA A 304 2.92 18.42 -10.27
C ALA A 304 2.99 19.54 -9.20
N GLU A 309 6.75 24.03 -10.62
CA GLU A 309 7.32 25.05 -11.52
C GLU A 309 8.76 25.46 -11.10
N ASP A 310 9.16 25.20 -9.86
CA ASP A 310 10.55 25.43 -9.39
C ASP A 310 11.01 24.06 -8.93
N MET A 311 11.23 23.15 -9.87
CA MET A 311 11.82 21.87 -9.52
C MET A 311 13.35 21.95 -9.43
N ASP A 312 13.91 23.13 -9.48
CA ASP A 312 15.33 23.25 -9.22
C ASP A 312 15.60 22.83 -7.78
N ASP A 313 16.46 21.82 -7.62
CA ASP A 313 16.89 21.24 -6.34
C ASP A 313 15.91 20.26 -5.72
N VAL A 314 14.93 19.74 -6.46
CA VAL A 314 14.06 18.70 -5.92
C VAL A 314 14.79 17.37 -5.84
N VAL A 315 14.52 16.63 -4.77
CA VAL A 315 15.08 15.32 -4.45
C VAL A 315 13.94 14.43 -3.96
N ASP A 316 13.77 13.27 -4.57
CA ASP A 316 12.75 12.35 -4.06
C ASP A 316 13.14 11.89 -2.67
N ALA A 317 12.16 11.76 -1.79
CA ALA A 317 12.48 11.44 -0.39
C ALA A 317 13.35 10.19 -0.29
N ASP A 318 13.14 9.24 -1.18
CA ASP A 318 13.91 8.00 -1.20
C ASP A 318 15.41 8.21 -1.31
N GLU A 319 15.84 9.46 -1.53
CA GLU A 319 17.25 9.74 -1.76
C GLU A 319 17.77 10.83 -0.84
N TYR A 320 16.93 11.34 0.06
CA TYR A 320 17.38 12.23 1.12
C TYR A 320 17.46 11.38 2.38
N LEU A 321 18.66 11.26 2.95
CA LEU A 321 18.89 10.37 4.07
C LEU A 321 19.55 11.13 5.22
N ILE A 322 19.06 10.87 6.44
CA ILE A 322 19.46 11.52 7.70
C ILE A 322 20.07 12.92 7.54
S SO4 B . -16.12 -3.87 4.09
O1 SO4 B . -15.40 -2.68 4.56
O2 SO4 B . -15.35 -5.07 4.42
O3 SO4 B . -16.36 -3.72 2.65
O4 SO4 B . -17.41 -4.01 4.76
C02 VUZ C . 0.32 8.93 2.51
C03 VUZ C . 1.56 8.98 1.87
C04 VUZ C . 1.66 9.52 0.58
C05 VUZ C . 0.47 10.01 -0.08
C07 VUZ C . -0.63 10.98 -1.96
C09 VUZ C . -1.62 11.57 -4.21
C10 VUZ C . -2.98 11.61 -3.95
C12 VUZ C . -5.02 11.65 -5.36
C13 VUZ C . -5.43 10.29 -5.93
C15 VUZ C . -1.48 11.58 -5.58
C17 VUZ C . -1.91 10.44 -0.15
C19 VUZ C . -4.45 10.44 -0.25
C20 VUZ C . -5.01 11.54 -0.87
C21 VUZ C . -6.22 11.42 -1.56
C22 VUZ C . -6.88 10.20 -1.63
C23 VUZ C . -6.29 9.11 -0.99
C25 VUZ C . -7.23 7.08 -2.03
C27 VUZ C . -7.65 5.63 -1.96
C28 VUZ C . -6.85 4.75 -2.53
C29 VUZ C . -5.11 9.23 -0.32
C30 VUZ C . -0.75 9.96 0.54
C31 VUZ C . -0.82 9.40 1.86
N06 VUZ C . 0.47 10.53 -1.33
N08 VUZ C . -0.50 11.57 -3.28
N11 VUZ C . -3.60 11.63 -5.13
N14 VUZ C . -2.68 11.60 -6.13
N16 VUZ C . -1.82 10.93 -1.37
N18 VUZ C . -3.20 10.40 0.50
N24 VUZ C . -6.75 7.75 -0.89
O26 VUZ C . -7.30 7.67 -3.06
CL01 VUZ C . 0.25 8.19 4.14
#